data_3QYF
#
_entry.id   3QYF
#
_cell.length_a   120.614
_cell.length_b   81.554
_cell.length_c   70.155
_cell.angle_alpha   90.00
_cell.angle_beta   108.30
_cell.angle_gamma   90.00
#
_symmetry.space_group_name_H-M   'C 1 2 1'
#
loop_
_entity.id
_entity.type
_entity.pdbx_description
1 polymer 'CRISPR-ASSOCIATED PROTEIN'
2 non-polymer 'MAGNESIUM ION'
3 water water
#
_entity_poly.entity_id   1
_entity_poly.type   'polypeptide(L)'
_entity_poly.pdbx_seq_one_letter_code
;FQG(MSE)EVHVCSVGTSLLKNSLDDDNVRKEIERLGLKDWDRLKFDDDRQNRIKENFDSLRK(MSE)LLKFIRSKGRRA
SAELDSLFSTFEKLKHNKSEIYVFLYSTNTSNSQLAGEVIRDYLIEEGIRSELVTVKTISSEENFYEGIVDLFDKVIYRI
LKFKEQDNEVYINATPGLKPESIFLTLAGLLAGADLIYYKYQEFNDVVILPSPPITIRPKYLDWLIRFAISGYTLSEKRA
EELGIPVRLLEAK(MSE)LVERKGEDAYRLKDWVRKLLGIYLPIGAQNKYYRVIVEGEGERTFDNEVEAYNY(MSE)ESK
RKEGKNVRVEVPDRVYFLGL
;
_entity_poly.pdbx_strand_id   A,B
#
# COMPACT_ATOMS: atom_id res chain seq x y z
N PHE A 1 -7.96 -7.22 -27.17
CA PHE A 1 -8.94 -6.15 -27.33
C PHE A 1 -8.36 -4.74 -27.12
N GLN A 2 -9.14 -3.74 -27.50
CA GLN A 2 -8.71 -2.34 -27.43
C GLN A 2 -9.83 -1.44 -26.95
N GLY A 3 -9.48 -0.28 -26.39
CA GLY A 3 -10.45 0.73 -26.00
C GLY A 3 -11.30 0.41 -24.79
N GLU A 5 -12.01 -0.29 -20.50
CA GLU A 5 -11.62 0.21 -19.18
C GLU A 5 -11.33 -0.99 -18.32
N VAL A 6 -10.05 -1.27 -18.13
CA VAL A 6 -9.66 -2.50 -17.45
C VAL A 6 -9.44 -2.26 -15.98
N HIS A 7 -10.14 -3.00 -15.12
CA HIS A 7 -9.95 -2.88 -13.67
C HIS A 7 -9.18 -4.10 -13.15
N VAL A 8 -8.08 -3.86 -12.46
CA VAL A 8 -7.25 -4.92 -11.90
C VAL A 8 -7.51 -4.97 -10.41
N CYS A 9 -7.86 -6.16 -9.92
CA CYS A 9 -8.34 -6.29 -8.56
C CYS A 9 -7.91 -7.61 -7.92
N SER A 10 -7.28 -7.53 -6.75
CA SER A 10 -6.90 -8.71 -5.99
C SER A 10 -8.14 -9.30 -5.35
N VAL A 11 -8.14 -10.61 -5.11
CA VAL A 11 -9.32 -11.27 -4.53
C VAL A 11 -9.07 -11.65 -3.08
N GLY A 12 -9.83 -11.04 -2.18
CA GLY A 12 -9.77 -11.39 -0.77
C GLY A 12 -10.90 -12.34 -0.47
N THR A 13 -11.22 -12.51 0.82
CA THR A 13 -12.26 -13.44 1.22
C THR A 13 -13.41 -12.78 1.96
N SER A 14 -13.60 -11.48 1.77
CA SER A 14 -14.74 -10.83 2.42
C SER A 14 -16.07 -11.46 2.00
N LEU A 15 -16.11 -11.98 0.78
CA LEU A 15 -17.33 -12.63 0.29
C LEU A 15 -17.73 -13.76 1.23
N LEU A 16 -16.75 -14.56 1.59
CA LEU A 16 -16.97 -15.75 2.41
C LEU A 16 -17.44 -15.33 3.78
N LYS A 17 -16.78 -14.32 4.34
CA LYS A 17 -17.15 -13.82 5.64
C LYS A 17 -18.57 -13.26 5.64
N ASN A 18 -18.87 -12.41 4.66
CA ASN A 18 -20.18 -11.79 4.59
C ASN A 18 -21.30 -12.79 4.36
N SER A 19 -20.99 -13.89 3.67
CA SER A 19 -22.03 -14.86 3.30
C SER A 19 -22.61 -15.60 4.50
N LEU A 20 -21.93 -15.55 5.63
CA LEU A 20 -22.44 -16.22 6.83
C LEU A 20 -23.76 -15.60 7.29
N ASP A 21 -24.05 -14.41 6.78
CA ASP A 21 -25.32 -13.75 7.05
C ASP A 21 -26.45 -14.48 6.33
N ASP A 22 -26.10 -15.32 5.38
CA ASP A 22 -27.09 -16.12 4.65
C ASP A 22 -27.28 -17.43 5.40
N ASP A 23 -28.49 -17.66 5.90
CA ASP A 23 -28.76 -18.83 6.74
C ASP A 23 -28.42 -20.13 6.04
N ASN A 24 -28.76 -20.21 4.76
CA ASN A 24 -28.49 -21.42 3.99
C ASN A 24 -26.98 -21.66 3.90
N VAL A 25 -26.24 -20.60 3.58
CA VAL A 25 -24.79 -20.72 3.53
C VAL A 25 -24.24 -21.12 4.90
N ARG A 26 -24.65 -20.42 5.94
CA ARG A 26 -24.10 -20.62 7.28
C ARG A 26 -24.30 -22.05 7.79
N LYS A 27 -25.51 -22.59 7.61
CA LYS A 27 -25.79 -23.94 8.10
C LYS A 27 -24.99 -24.99 7.33
N GLU A 28 -24.84 -24.80 6.03
CA GLU A 28 -24.04 -25.72 5.21
C GLU A 28 -22.57 -25.68 5.58
N ILE A 29 -22.06 -24.46 5.81
CA ILE A 29 -20.67 -24.26 6.17
C ILE A 29 -20.42 -24.86 7.56
N GLU A 30 -21.37 -24.65 8.48
CA GLU A 30 -21.33 -25.31 9.78
C GLU A 30 -21.29 -26.83 9.63
N ARG A 31 -22.09 -27.35 8.70
CA ARG A 31 -22.10 -28.79 8.45
C ARG A 31 -20.69 -29.28 8.08
N LEU A 32 -19.93 -28.44 7.40
CA LEU A 32 -18.60 -28.83 6.94
C LEU A 32 -17.51 -28.35 7.89
N GLY A 33 -17.92 -27.76 9.01
CA GLY A 33 -16.98 -27.20 9.96
C GLY A 33 -16.07 -26.16 9.35
N LEU A 34 -16.65 -25.27 8.55
CA LEU A 34 -15.90 -24.26 7.81
C LEU A 34 -16.24 -22.84 8.23
N LYS A 35 -16.72 -22.69 9.47
CA LYS A 35 -17.17 -21.39 9.97
C LYS A 35 -16.12 -20.30 9.79
N ASP A 36 -14.86 -20.70 9.73
CA ASP A 36 -13.78 -19.73 9.60
C ASP A 36 -13.14 -19.77 8.21
N TRP A 37 -13.92 -20.13 7.19
CA TRP A 37 -13.35 -20.34 5.86
C TRP A 37 -12.73 -19.10 5.23
N ASP A 38 -13.09 -17.93 5.76
CA ASP A 38 -12.54 -16.68 5.24
C ASP A 38 -11.11 -16.47 5.70
N ARG A 39 -10.69 -17.23 6.71
CA ARG A 39 -9.37 -17.08 7.31
C ARG A 39 -8.52 -18.32 7.16
N LEU A 40 -9.01 -19.28 6.38
CA LEU A 40 -8.31 -20.55 6.22
C LEU A 40 -6.91 -20.32 5.67
N LYS A 41 -5.90 -20.87 6.34
CA LYS A 41 -4.53 -20.70 5.88
C LYS A 41 -4.24 -21.66 4.73
N PHE A 42 -3.23 -21.34 3.93
CA PHE A 42 -2.88 -22.12 2.74
C PHE A 42 -2.65 -23.61 3.00
N ASP A 43 -2.17 -23.95 4.18
CA ASP A 43 -1.84 -25.35 4.47
C ASP A 43 -2.84 -26.03 5.42
N ASP A 44 -4.01 -25.43 5.57
CA ASP A 44 -5.06 -26.05 6.39
C ASP A 44 -5.69 -27.18 5.61
N ASP A 45 -5.75 -28.35 6.23
CA ASP A 45 -6.29 -29.54 5.56
C ASP A 45 -7.71 -29.30 5.10
N ARG A 46 -8.41 -28.41 5.81
CA ARG A 46 -9.82 -28.14 5.50
C ARG A 46 -10.04 -27.46 4.15
N GLN A 47 -8.98 -26.88 3.59
CA GLN A 47 -9.06 -26.30 2.25
C GLN A 47 -9.60 -27.36 1.29
N ASN A 48 -9.28 -28.61 1.57
CA ASN A 48 -9.73 -29.72 0.75
C ASN A 48 -11.25 -29.92 0.82
N ARG A 49 -11.85 -29.56 1.94
CA ARG A 49 -13.31 -29.65 2.04
C ARG A 49 -13.94 -28.63 1.08
N ILE A 50 -13.30 -27.48 0.93
CA ILE A 50 -13.78 -26.51 -0.03
C ILE A 50 -13.62 -27.10 -1.42
N LYS A 51 -12.43 -27.63 -1.71
CA LYS A 51 -12.16 -28.21 -3.02
C LYS A 51 -13.14 -29.32 -3.39
N GLU A 52 -13.41 -30.21 -2.46
CA GLU A 52 -14.27 -31.36 -2.74
C GLU A 52 -15.71 -30.93 -2.99
N ASN A 53 -16.06 -29.75 -2.50
CA ASN A 53 -17.43 -29.27 -2.63
C ASN A 53 -17.52 -27.96 -3.42
N PHE A 54 -16.52 -27.74 -4.27
CA PHE A 54 -16.32 -26.45 -4.93
C PHE A 54 -17.52 -25.96 -5.72
N ASP A 55 -18.08 -26.82 -6.57
CA ASP A 55 -19.16 -26.41 -7.46
C ASP A 55 -20.44 -26.08 -6.69
N SER A 56 -20.70 -26.84 -5.64
CA SER A 56 -21.88 -26.61 -4.80
C SER A 56 -21.75 -25.28 -4.05
N LEU A 57 -20.58 -25.03 -3.50
CA LEU A 57 -20.38 -23.83 -2.70
C LEU A 57 -20.42 -22.61 -3.60
N ARG A 58 -19.89 -22.77 -4.80
CA ARG A 58 -19.88 -21.69 -5.77
C ARG A 58 -21.31 -21.25 -6.07
N LYS A 59 -22.22 -22.20 -6.31
CA LYS A 59 -23.60 -21.84 -6.65
C LYS A 59 -24.30 -21.19 -5.46
N LEU A 61 -22.87 -19.41 -3.11
CA LEU A 61 -22.34 -18.05 -2.98
C LEU A 61 -22.92 -17.14 -4.07
N LEU A 62 -23.13 -17.69 -5.26
CA LEU A 62 -23.74 -16.90 -6.33
C LEU A 62 -25.17 -16.51 -5.95
N LYS A 63 -25.91 -17.43 -5.36
CA LYS A 63 -27.25 -17.09 -4.90
C LYS A 63 -27.21 -15.96 -3.88
N PHE A 64 -26.24 -16.03 -2.96
CA PHE A 64 -26.06 -14.98 -1.95
C PHE A 64 -25.82 -13.59 -2.58
N ILE A 65 -24.87 -13.52 -3.51
CA ILE A 65 -24.60 -12.24 -4.17
C ILE A 65 -25.82 -11.73 -4.93
N ARG A 66 -26.45 -12.62 -5.70
CA ARG A 66 -27.63 -12.23 -6.46
C ARG A 66 -28.67 -11.55 -5.57
N SER A 67 -28.79 -11.98 -4.32
CA SER A 67 -29.79 -11.42 -3.44
C SER A 67 -29.28 -10.22 -2.65
N LYS A 68 -27.99 -10.22 -2.33
CA LYS A 68 -27.39 -9.19 -1.47
C LYS A 68 -27.02 -7.93 -2.23
N GLY A 69 -26.54 -8.07 -3.46
CA GLY A 69 -26.08 -6.95 -4.25
C GLY A 69 -24.59 -6.67 -4.05
N ARG A 70 -24.16 -5.48 -4.48
CA ARG A 70 -22.75 -5.11 -4.45
C ARG A 70 -22.10 -5.22 -3.06
N ARG A 71 -22.87 -5.13 -2.00
CA ARG A 71 -22.26 -5.16 -0.67
C ARG A 71 -21.87 -6.57 -0.24
N ALA A 72 -22.12 -7.56 -1.09
CA ALA A 72 -21.70 -8.94 -0.81
C ALA A 72 -20.20 -9.06 -0.56
N SER A 73 -19.39 -8.23 -1.21
CA SER A 73 -17.95 -8.34 -1.00
C SER A 73 -17.24 -7.01 -1.26
N ALA A 74 -16.05 -6.87 -0.68
CA ALA A 74 -15.27 -5.64 -0.82
C ALA A 74 -14.94 -5.41 -2.27
N GLU A 75 -14.63 -6.48 -2.99
CA GLU A 75 -14.39 -6.38 -4.44
C GLU A 75 -15.59 -5.79 -5.16
N LEU A 76 -16.77 -6.38 -4.99
CA LEU A 76 -17.95 -5.96 -5.72
C LEU A 76 -18.36 -4.55 -5.33
N ASP A 77 -18.31 -4.24 -4.03
CA ASP A 77 -18.71 -2.91 -3.56
C ASP A 77 -17.78 -1.86 -4.17
N SER A 78 -16.48 -2.07 -4.07
CA SER A 78 -15.51 -1.11 -4.61
C SER A 78 -15.56 -1.02 -6.15
N LEU A 79 -15.68 -2.15 -6.84
CA LEU A 79 -15.81 -2.12 -8.30
C LEU A 79 -17.03 -1.34 -8.78
N PHE A 80 -18.22 -1.73 -8.31
CA PHE A 80 -19.44 -1.10 -8.80
C PHE A 80 -19.52 0.37 -8.44
N SER A 81 -19.05 0.73 -7.24
CA SER A 81 -19.04 2.14 -6.86
C SER A 81 -18.15 2.94 -7.79
N THR A 82 -17.04 2.33 -8.20
CA THR A 82 -16.08 3.04 -9.05
C THR A 82 -16.53 3.14 -10.50
N PHE A 83 -17.23 2.12 -10.97
CA PHE A 83 -17.82 2.21 -12.32
C PHE A 83 -18.73 3.44 -12.38
N GLU A 84 -19.51 3.64 -11.33
CA GLU A 84 -20.43 4.78 -11.28
C GLU A 84 -19.70 6.12 -11.21
N LYS A 85 -18.66 6.18 -10.37
CA LYS A 85 -17.90 7.40 -10.17
C LYS A 85 -17.17 7.84 -11.43
N LEU A 86 -16.56 6.89 -12.12
CA LEU A 86 -15.76 7.19 -13.30
C LEU A 86 -16.58 7.10 -14.60
N LYS A 87 -17.84 6.72 -14.47
CA LYS A 87 -18.72 6.60 -15.63
C LYS A 87 -18.22 5.56 -16.60
N HIS A 88 -17.93 4.37 -16.09
CA HIS A 88 -17.60 3.24 -16.95
C HIS A 88 -18.86 2.42 -17.18
N ASN A 89 -19.17 2.17 -18.44
CA ASN A 89 -20.37 1.39 -18.77
C ASN A 89 -20.05 -0.10 -18.84
N LYS A 90 -21.02 -0.95 -18.52
CA LYS A 90 -20.75 -2.38 -18.47
C LYS A 90 -20.10 -2.93 -19.75
N SER A 91 -20.58 -2.46 -20.90
CA SER A 91 -20.07 -2.89 -22.21
C SER A 91 -18.59 -2.48 -22.43
N GLU A 92 -18.08 -1.55 -21.60
CA GLU A 92 -16.72 -1.01 -21.76
C GLU A 92 -15.71 -1.67 -20.82
N ILE A 93 -16.22 -2.40 -19.82
CA ILE A 93 -15.39 -2.82 -18.70
C ILE A 93 -14.78 -4.21 -18.90
N TYR A 94 -13.56 -4.39 -18.39
CA TYR A 94 -12.96 -5.72 -18.27
C TYR A 94 -12.38 -5.82 -16.88
N VAL A 95 -12.88 -6.76 -16.08
CA VAL A 95 -12.37 -6.91 -14.72
C VAL A 95 -11.37 -8.07 -14.64
N PHE A 96 -10.13 -7.72 -14.35
CA PHE A 96 -9.03 -8.66 -14.28
C PHE A 96 -8.79 -8.96 -12.81
N LEU A 97 -9.19 -10.15 -12.38
CA LEU A 97 -9.06 -10.56 -10.99
C LEU A 97 -7.89 -11.51 -10.81
N TYR A 98 -7.24 -11.46 -9.65
CA TYR A 98 -6.23 -12.46 -9.36
C TYR A 98 -6.36 -12.95 -7.92
N SER A 99 -6.29 -14.26 -7.75
CA SER A 99 -6.32 -14.84 -6.42
C SER A 99 -5.14 -15.80 -6.24
N THR A 100 -4.86 -16.14 -4.99
CA THR A 100 -3.87 -17.18 -4.72
C THR A 100 -4.41 -18.53 -5.15
N ASN A 101 -3.50 -19.48 -5.30
CA ASN A 101 -3.87 -20.85 -5.61
C ASN A 101 -4.24 -21.61 -4.35
N THR A 102 -5.22 -21.09 -3.61
CA THR A 102 -5.79 -21.75 -2.45
C THR A 102 -7.29 -21.90 -2.67
N SER A 103 -7.88 -22.96 -2.11
CA SER A 103 -9.29 -23.24 -2.35
C SER A 103 -10.23 -22.09 -1.98
N ASN A 104 -10.06 -21.52 -0.79
CA ASN A 104 -10.95 -20.45 -0.34
C ASN A 104 -10.85 -19.18 -1.18
N SER A 105 -9.63 -18.76 -1.50
CA SER A 105 -9.45 -17.59 -2.33
C SER A 105 -9.93 -17.83 -3.75
N GLN A 106 -9.59 -18.99 -4.31
CA GLN A 106 -10.03 -19.29 -5.67
C GLN A 106 -11.56 -19.39 -5.76
N LEU A 107 -12.20 -19.91 -4.72
CA LEU A 107 -13.66 -19.96 -4.69
C LEU A 107 -14.24 -18.55 -4.78
N ALA A 108 -13.76 -17.66 -3.90
CA ALA A 108 -14.22 -16.27 -3.94
C ALA A 108 -14.00 -15.66 -5.32
N GLY A 109 -12.84 -15.95 -5.91
CA GLY A 109 -12.47 -15.39 -7.21
C GLY A 109 -13.38 -15.86 -8.34
N GLU A 110 -13.63 -17.16 -8.42
CA GLU A 110 -14.51 -17.68 -9.46
C GLU A 110 -15.93 -17.18 -9.30
N VAL A 111 -16.40 -17.09 -8.05
CA VAL A 111 -17.76 -16.61 -7.82
C VAL A 111 -17.89 -15.17 -8.28
N ILE A 112 -16.92 -14.34 -7.91
CA ILE A 112 -16.98 -12.93 -8.25
C ILE A 112 -16.89 -12.73 -9.77
N ARG A 113 -15.95 -13.46 -10.40
CA ARG A 113 -15.86 -13.44 -11.85
C ARG A 113 -17.18 -13.86 -12.50
N ASP A 114 -17.76 -14.97 -12.05
CA ASP A 114 -18.98 -15.47 -12.68
C ASP A 114 -20.14 -14.51 -12.48
N TYR A 115 -20.18 -13.85 -11.33
CA TYR A 115 -21.26 -12.89 -11.08
C TYR A 115 -21.16 -11.69 -12.02
N LEU A 116 -19.96 -11.11 -12.09
CA LEU A 116 -19.73 -10.00 -13.00
C LEU A 116 -20.20 -10.36 -14.41
N ILE A 117 -19.83 -11.56 -14.86
CA ILE A 117 -20.22 -12.02 -16.19
C ILE A 117 -21.73 -12.11 -16.34
N GLU A 118 -22.42 -12.59 -15.30
CA GLU A 118 -23.89 -12.67 -15.35
C GLU A 118 -24.51 -11.29 -15.55
N GLU A 119 -23.86 -10.28 -14.95
CA GLU A 119 -24.34 -8.89 -15.00
C GLU A 119 -23.92 -8.18 -16.28
N GLY A 120 -23.22 -8.87 -17.17
CA GLY A 120 -22.83 -8.31 -18.45
C GLY A 120 -21.46 -7.64 -18.48
N ILE A 121 -20.62 -7.96 -17.51
CA ILE A 121 -19.29 -7.37 -17.42
C ILE A 121 -18.23 -8.46 -17.69
N ARG A 122 -17.44 -8.29 -18.74
CA ARG A 122 -16.36 -9.23 -19.05
C ARG A 122 -15.37 -9.33 -17.90
N SER A 123 -14.95 -10.54 -17.58
CA SER A 123 -14.07 -10.75 -16.43
C SER A 123 -13.18 -11.96 -16.64
N GLU A 124 -12.00 -11.91 -16.04
CA GLU A 124 -11.05 -13.02 -16.10
C GLU A 124 -10.43 -13.19 -14.72
N LEU A 125 -10.16 -14.44 -14.35
CA LEU A 125 -9.51 -14.74 -13.08
C LEU A 125 -8.20 -15.45 -13.36
N VAL A 126 -7.10 -14.93 -12.83
CA VAL A 126 -5.82 -15.65 -12.90
C VAL A 126 -5.36 -16.02 -11.50
N THR A 127 -4.50 -17.03 -11.42
CA THR A 127 -4.04 -17.56 -10.14
C THR A 127 -2.55 -17.29 -9.90
N VAL A 128 -2.22 -16.87 -8.68
CA VAL A 128 -0.82 -16.60 -8.35
C VAL A 128 -0.36 -17.44 -7.16
N LYS A 129 0.96 -17.53 -6.98
CA LYS A 129 1.56 -18.28 -5.88
C LYS A 129 1.24 -17.69 -4.51
N THR A 130 1.08 -18.56 -3.52
CA THR A 130 0.84 -18.10 -2.16
C THR A 130 2.11 -17.58 -1.52
N ILE A 131 2.00 -16.50 -0.78
CA ILE A 131 3.12 -15.99 0.01
C ILE A 131 2.94 -16.43 1.45
N SER A 132 3.88 -17.21 1.98
CA SER A 132 3.76 -17.74 3.35
C SER A 132 5.05 -17.68 4.18
N SER A 133 6.10 -17.09 3.62
CA SER A 133 7.34 -16.91 4.36
C SER A 133 8.10 -15.77 3.71
N GLU A 134 9.10 -15.25 4.39
CA GLU A 134 9.97 -14.24 3.77
C GLU A 134 10.69 -14.78 2.54
N GLU A 135 11.14 -16.02 2.59
CA GLU A 135 11.83 -16.58 1.43
C GLU A 135 10.89 -16.70 0.22
N ASN A 136 9.69 -17.23 0.44
CA ASN A 136 8.81 -17.37 -0.72
C ASN A 136 8.04 -16.11 -1.07
N PHE A 137 8.16 -15.07 -0.23
CA PHE A 137 7.62 -13.77 -0.56
C PHE A 137 8.12 -13.32 -1.94
N TYR A 138 9.42 -13.42 -2.18
CA TYR A 138 9.97 -12.89 -3.43
C TYR A 138 9.58 -13.76 -4.62
N GLU A 139 9.43 -15.06 -4.41
CA GLU A 139 8.87 -15.94 -5.45
C GLU A 139 7.45 -15.49 -5.79
N GLY A 140 6.71 -15.02 -4.79
CA GLY A 140 5.37 -14.52 -5.01
C GLY A 140 5.37 -13.23 -5.84
N ILE A 141 6.27 -12.32 -5.52
CA ILE A 141 6.45 -11.08 -6.29
C ILE A 141 6.77 -11.41 -7.76
N VAL A 142 7.71 -12.35 -7.95
CA VAL A 142 8.06 -12.76 -9.31
C VAL A 142 6.81 -13.24 -10.05
N ASP A 143 5.98 -14.01 -9.38
CA ASP A 143 4.77 -14.55 -10.02
C ASP A 143 3.74 -13.42 -10.30
N LEU A 144 3.66 -12.45 -9.41
CA LEU A 144 2.82 -11.28 -9.66
C LEU A 144 3.30 -10.52 -10.88
N PHE A 145 4.61 -10.43 -11.09
CA PHE A 145 5.09 -9.85 -12.33
C PHE A 145 4.57 -10.64 -13.54
N ASP A 146 4.78 -11.95 -13.54
CA ASP A 146 4.44 -12.76 -14.71
C ASP A 146 2.93 -12.79 -14.98
N LYS A 147 2.15 -12.88 -13.91
CA LYS A 147 0.70 -13.09 -14.03
C LYS A 147 -0.13 -11.82 -14.09
N VAL A 148 0.35 -10.76 -13.46
CA VAL A 148 -0.42 -9.54 -13.33
C VAL A 148 0.23 -8.34 -13.99
N ILE A 149 1.43 -7.99 -13.53
CA ILE A 149 2.08 -6.78 -14.04
C ILE A 149 2.33 -6.83 -15.56
N TYR A 150 2.80 -7.97 -16.05
CA TYR A 150 3.02 -8.11 -17.49
C TYR A 150 1.70 -8.05 -18.27
N ARG A 151 0.59 -8.38 -17.63
CA ARG A 151 -0.71 -8.25 -18.31
C ARG A 151 -1.10 -6.78 -18.40
N ILE A 152 -0.72 -6.01 -17.39
CA ILE A 152 -0.97 -4.58 -17.41
C ILE A 152 -0.21 -3.98 -18.58
N LEU A 153 1.04 -4.40 -18.74
CA LEU A 153 1.86 -3.98 -19.88
C LEU A 153 1.13 -4.23 -21.20
N LYS A 154 0.61 -5.44 -21.34
CA LYS A 154 -0.08 -5.82 -22.56
C LYS A 154 -1.39 -5.06 -22.75
N PHE A 155 -2.17 -4.89 -21.69
CA PHE A 155 -3.40 -4.08 -21.80
C PHE A 155 -3.07 -2.68 -22.31
N LYS A 156 -1.99 -2.10 -21.80
CA LYS A 156 -1.60 -0.75 -22.19
C LYS A 156 -1.11 -0.72 -23.64
N GLU A 157 -0.37 -1.74 -24.04
CA GLU A 157 0.13 -1.80 -25.42
C GLU A 157 -1.02 -1.93 -26.43
N GLN A 158 -2.14 -2.48 -26.00
CA GLN A 158 -3.28 -2.66 -26.88
C GLN A 158 -4.30 -1.49 -26.76
N ASP A 159 -3.84 -0.37 -26.22
CA ASP A 159 -4.64 0.85 -26.16
C ASP A 159 -5.90 0.74 -25.27
N ASN A 160 -5.74 0.14 -24.10
CA ASN A 160 -6.77 0.17 -23.08
C ASN A 160 -6.34 1.05 -21.93
N GLU A 161 -7.29 1.47 -21.11
CA GLU A 161 -6.97 2.17 -19.87
C GLU A 161 -6.99 1.14 -18.77
N VAL A 162 -6.12 1.31 -17.77
CA VAL A 162 -6.01 0.36 -16.68
C VAL A 162 -6.16 1.06 -15.33
N TYR A 163 -7.07 0.55 -14.50
CA TYR A 163 -7.37 1.14 -13.21
C TYR A 163 -7.08 0.09 -12.16
N ILE A 164 -6.24 0.42 -11.19
CA ILE A 164 -5.91 -0.54 -10.14
C ILE A 164 -6.80 -0.35 -8.92
N ASN A 165 -7.56 -1.37 -8.59
CA ASN A 165 -8.41 -1.36 -7.39
C ASN A 165 -7.59 -1.85 -6.19
N ALA A 166 -7.14 -0.92 -5.35
CA ALA A 166 -6.30 -1.26 -4.21
C ALA A 166 -7.11 -1.63 -2.96
N THR A 167 -8.43 -1.72 -3.08
CA THR A 167 -9.26 -1.97 -1.91
C THR A 167 -9.02 -3.32 -1.26
N PRO A 168 -9.19 -4.43 -2.00
CA PRO A 168 -8.98 -5.74 -1.38
C PRO A 168 -7.51 -6.15 -1.33
N GLY A 169 -7.19 -7.11 -0.48
CA GLY A 169 -5.87 -7.71 -0.47
C GLY A 169 -5.02 -7.20 0.67
N LEU A 170 -4.00 -7.97 1.02
CA LEU A 170 -3.09 -7.61 2.09
C LEU A 170 -2.29 -6.37 1.72
N LYS A 171 -2.03 -5.51 2.70
CA LYS A 171 -1.32 -4.28 2.44
C LYS A 171 -0.04 -4.42 1.60
N PRO A 172 0.89 -5.31 1.98
CA PRO A 172 2.16 -5.38 1.24
C PRO A 172 1.97 -5.67 -0.25
N GLU A 173 1.02 -6.53 -0.57
CA GLU A 173 0.71 -6.84 -1.96
C GLU A 173 0.10 -5.64 -2.68
N SER A 174 -0.79 -4.92 -2.01
CA SER A 174 -1.38 -3.75 -2.65
C SER A 174 -0.33 -2.67 -2.89
N ILE A 175 0.62 -2.55 -1.97
CA ILE A 175 1.70 -1.59 -2.16
C ILE A 175 2.54 -1.97 -3.38
N PHE A 176 2.90 -3.26 -3.48
CA PHE A 176 3.63 -3.72 -4.67
C PHE A 176 2.81 -3.50 -5.95
N LEU A 177 1.55 -3.90 -5.93
CA LEU A 177 0.70 -3.78 -7.11
C LEU A 177 0.63 -2.33 -7.61
N THR A 178 0.52 -1.39 -6.66
CA THR A 178 0.49 0.04 -7.00
C THR A 178 1.79 0.51 -7.64
N LEU A 179 2.91 0.16 -7.02
CA LEU A 179 4.22 0.59 -7.51
C LEU A 179 4.55 0.01 -8.89
N ALA A 180 4.53 -1.31 -8.97
CA ALA A 180 4.86 -1.98 -10.22
C ALA A 180 3.78 -1.69 -11.28
N GLY A 181 2.53 -1.59 -10.83
CA GLY A 181 1.42 -1.26 -11.73
C GLY A 181 1.64 0.10 -12.40
N LEU A 182 1.98 1.11 -11.61
CA LEU A 182 2.25 2.44 -12.16
C LEU A 182 3.48 2.41 -13.07
N LEU A 183 4.52 1.69 -12.65
CA LEU A 183 5.71 1.60 -13.49
C LEU A 183 5.35 0.98 -14.85
N ALA A 184 4.40 0.05 -14.82
CA ALA A 184 3.97 -0.65 -16.03
C ALA A 184 2.95 0.16 -16.86
N GLY A 185 2.56 1.33 -16.36
CA GLY A 185 1.72 2.23 -17.14
C GLY A 185 0.26 2.28 -16.75
N ALA A 186 -0.11 1.66 -15.63
CA ALA A 186 -1.49 1.78 -15.13
C ALA A 186 -1.83 3.26 -14.99
N ASP A 187 -3.09 3.60 -15.23
CA ASP A 187 -3.49 5.01 -15.33
C ASP A 187 -3.85 5.64 -13.99
N LEU A 188 -4.63 4.92 -13.17
CA LEU A 188 -5.05 5.43 -11.88
C LEU A 188 -5.12 4.31 -10.86
N ILE A 189 -4.91 4.65 -9.60
CA ILE A 189 -5.12 3.71 -8.50
C ILE A 189 -6.29 4.22 -7.69
N TYR A 190 -7.16 3.31 -7.27
CA TYR A 190 -8.29 3.75 -6.47
C TYR A 190 -8.54 2.87 -5.26
N TYR A 191 -9.34 3.39 -4.33
CA TYR A 191 -9.56 2.76 -3.04
C TYR A 191 -10.90 3.22 -2.46
N LYS A 192 -11.75 2.28 -2.08
CA LYS A 192 -12.99 2.64 -1.42
C LYS A 192 -12.84 2.59 0.09
N TYR A 193 -12.98 3.74 0.73
CA TYR A 193 -13.08 3.78 2.18
C TYR A 193 -14.49 3.35 2.59
N GLN A 194 -14.56 2.24 3.30
CA GLN A 194 -15.84 1.75 3.82
C GLN A 194 -16.39 2.71 4.86
N GLU A 195 -15.50 3.23 5.69
CA GLU A 195 -15.84 4.12 6.80
C GLU A 195 -16.79 5.23 6.38
N PHE A 196 -16.45 5.96 5.31
CA PHE A 196 -17.34 7.01 4.85
C PHE A 196 -17.95 6.68 3.48
N ASN A 197 -17.94 5.40 3.13
CA ASN A 197 -18.65 4.92 1.95
C ASN A 197 -18.39 5.76 0.69
N ASP A 198 -17.12 5.97 0.39
CA ASP A 198 -16.77 6.75 -0.79
C ASP A 198 -15.48 6.25 -1.41
N VAL A 199 -15.38 6.40 -2.73
CA VAL A 199 -14.20 5.94 -3.47
C VAL A 199 -13.30 7.13 -3.66
N VAL A 200 -12.02 6.96 -3.37
CA VAL A 200 -11.07 8.03 -3.67
C VAL A 200 -10.07 7.55 -4.69
N ILE A 201 -9.69 8.43 -5.61
CA ILE A 201 -8.58 8.14 -6.52
C ILE A 201 -7.31 8.50 -5.78
N LEU A 202 -6.46 7.51 -5.51
CA LEU A 202 -5.21 7.76 -4.81
C LEU A 202 -4.28 8.53 -5.74
N PRO A 203 -3.37 9.34 -5.18
CA PRO A 203 -2.40 10.03 -6.04
C PRO A 203 -1.68 9.03 -6.94
N SER A 204 -1.69 9.29 -8.24
CA SER A 204 -1.19 8.33 -9.23
C SER A 204 -0.16 8.99 -10.18
N PRO A 205 0.95 9.49 -9.63
CA PRO A 205 1.89 10.18 -10.52
C PRO A 205 2.51 9.17 -11.47
N PRO A 206 2.71 9.57 -12.72
CA PRO A 206 3.37 8.73 -13.72
C PRO A 206 4.84 8.63 -13.35
N ILE A 207 5.32 7.40 -13.17
CA ILE A 207 6.66 7.16 -12.65
C ILE A 207 7.48 6.21 -13.50
N THR A 208 8.79 6.25 -13.28
CA THR A 208 9.72 5.33 -13.92
C THR A 208 10.90 5.09 -12.98
N ILE A 209 11.73 4.11 -13.29
CA ILE A 209 12.93 3.89 -12.49
C ILE A 209 13.87 5.06 -12.71
N ARG A 210 14.54 5.53 -11.65
CA ARG A 210 15.52 6.60 -11.83
C ARG A 210 16.53 6.23 -12.91
N PRO A 211 16.83 7.17 -13.81
CA PRO A 211 17.63 6.91 -15.01
C PRO A 211 18.99 6.29 -14.73
N LYS A 212 19.69 6.75 -13.71
CA LYS A 212 21.02 6.18 -13.48
C LYS A 212 20.94 4.75 -12.97
N TYR A 213 19.93 4.45 -12.14
CA TYR A 213 19.72 3.06 -11.72
C TYR A 213 19.27 2.19 -12.90
N LEU A 214 18.39 2.70 -13.75
CA LEU A 214 17.93 1.91 -14.89
C LEU A 214 19.10 1.58 -15.82
N ASP A 215 19.96 2.56 -16.06
CA ASP A 215 21.17 2.34 -16.85
C ASP A 215 22.02 1.24 -16.21
N TRP A 216 22.29 1.36 -14.92
CA TRP A 216 23.11 0.34 -14.24
C TRP A 216 22.49 -1.05 -14.33
N LEU A 217 21.16 -1.13 -14.15
CA LEU A 217 20.46 -2.41 -14.15
C LEU A 217 20.47 -3.03 -15.54
N ILE A 218 20.31 -2.20 -16.56
CA ILE A 218 20.34 -2.67 -17.95
C ILE A 218 21.73 -3.16 -18.35
N ARG A 219 22.75 -2.42 -17.94
CA ARG A 219 24.13 -2.85 -18.20
C ARG A 219 24.36 -4.20 -17.57
N PHE A 220 23.85 -4.36 -16.36
CA PHE A 220 23.98 -5.60 -15.62
C PHE A 220 23.36 -6.72 -16.45
N ALA A 221 22.11 -6.51 -16.85
CA ALA A 221 21.32 -7.51 -17.55
C ALA A 221 21.91 -7.96 -18.87
N ILE A 222 22.31 -7.00 -19.71
CA ILE A 222 22.84 -7.34 -21.03
C ILE A 222 24.18 -8.05 -20.94
N SER A 223 24.83 -7.92 -19.78
CA SER A 223 26.13 -8.54 -19.58
C SER A 223 26.00 -9.93 -18.98
N GLY A 224 24.92 -10.14 -18.24
CA GLY A 224 24.73 -11.41 -17.54
C GLY A 224 24.10 -11.14 -16.20
N TYR A 225 23.30 -12.08 -15.72
CA TYR A 225 22.54 -11.83 -14.49
C TYR A 225 23.36 -12.10 -13.24
N THR A 226 24.45 -12.85 -13.40
CA THR A 226 25.43 -13.00 -12.33
C THR A 226 26.79 -12.56 -12.88
N LEU A 227 27.38 -11.54 -12.25
CA LEU A 227 28.59 -10.90 -12.75
C LEU A 227 29.68 -10.91 -11.68
N SER A 228 30.92 -11.12 -12.09
CA SER A 228 32.04 -11.04 -11.15
C SER A 228 32.22 -9.60 -10.69
N GLU A 229 32.86 -9.41 -9.54
CA GLU A 229 33.16 -8.06 -9.08
C GLU A 229 34.00 -7.32 -10.11
N LYS A 230 34.94 -8.03 -10.73
CA LYS A 230 35.82 -7.40 -11.72
C LYS A 230 35.05 -6.87 -12.91
N ARG A 231 34.13 -7.67 -13.43
CA ARG A 231 33.39 -7.25 -14.62
C ARG A 231 32.42 -6.13 -14.29
N ALA A 232 31.86 -6.19 -13.08
CA ALA A 232 30.91 -5.15 -12.66
C ALA A 232 31.63 -3.81 -12.58
N GLU A 233 32.88 -3.84 -12.12
CA GLU A 233 33.70 -2.63 -12.05
C GLU A 233 33.95 -2.06 -13.44
N GLU A 234 34.25 -2.92 -14.40
CA GLU A 234 34.57 -2.47 -15.75
C GLU A 234 33.36 -1.87 -16.44
N LEU A 235 32.16 -2.31 -16.06
CA LEU A 235 30.94 -1.78 -16.63
C LEU A 235 30.53 -0.47 -15.94
N GLY A 236 31.24 -0.13 -14.87
CA GLY A 236 30.95 1.07 -14.11
C GLY A 236 29.72 0.91 -13.22
N ILE A 237 29.44 -0.32 -12.82
CA ILE A 237 28.26 -0.62 -12.01
C ILE A 237 28.59 -0.60 -10.52
N PRO A 238 27.95 0.32 -9.77
CA PRO A 238 28.19 0.42 -8.32
C PRO A 238 27.46 -0.69 -7.57
N VAL A 239 28.03 -1.88 -7.58
CA VAL A 239 27.34 -3.05 -7.04
C VAL A 239 27.00 -2.90 -5.56
N ARG A 240 27.81 -2.17 -4.80
CA ARG A 240 27.54 -2.04 -3.37
C ARG A 240 26.29 -1.18 -3.15
N LEU A 241 26.12 -0.19 -4.00
CA LEU A 241 24.95 0.66 -3.97
C LEU A 241 23.71 -0.17 -4.27
N LEU A 242 23.79 -1.02 -5.30
CA LEU A 242 22.65 -1.86 -5.68
C LEU A 242 22.34 -2.86 -4.57
N GLU A 243 23.40 -3.36 -3.93
CA GLU A 243 23.26 -4.33 -2.84
C GLU A 243 22.51 -3.70 -1.67
N ALA A 244 22.88 -2.47 -1.33
CA ALA A 244 22.26 -1.73 -0.24
C ALA A 244 20.75 -1.53 -0.47
N LYS A 245 20.35 -1.39 -1.73
CA LYS A 245 18.92 -1.27 -2.05
C LYS A 245 18.26 -2.62 -2.31
N LEU A 247 18.75 -4.82 -4.56
CA LEU A 247 18.48 -5.15 -5.96
C LEU A 247 19.39 -6.27 -6.46
N VAL A 248 20.55 -6.41 -5.83
CA VAL A 248 21.48 -7.50 -6.14
C VAL A 248 21.96 -8.17 -4.86
N GLU A 249 22.48 -9.39 -4.99
CA GLU A 249 22.99 -10.13 -3.83
C GLU A 249 24.38 -10.67 -4.13
N ARG A 250 25.27 -10.58 -3.16
CA ARG A 250 26.58 -11.20 -3.28
C ARG A 250 26.43 -12.71 -3.28
N LYS A 251 27.06 -13.36 -4.24
CA LYS A 251 27.02 -14.81 -4.37
C LYS A 251 28.44 -15.35 -4.56
N GLY A 252 28.61 -16.64 -4.32
CA GLY A 252 29.90 -17.26 -4.53
C GLY A 252 31.01 -16.48 -3.84
N GLU A 253 32.22 -16.59 -4.34
CA GLU A 253 33.38 -15.94 -3.74
C GLU A 253 33.44 -14.46 -4.05
N ASP A 254 33.07 -14.07 -5.27
CA ASP A 254 33.32 -12.72 -5.73
C ASP A 254 32.30 -12.20 -6.74
N ALA A 255 31.08 -12.74 -6.71
CA ALA A 255 30.09 -12.39 -7.73
C ALA A 255 28.87 -11.69 -7.15
N TYR A 256 28.09 -11.07 -8.03
CA TYR A 256 26.88 -10.37 -7.64
C TYR A 256 25.76 -10.81 -8.56
N ARG A 257 24.62 -11.16 -7.99
CA ARG A 257 23.53 -11.72 -8.76
C ARG A 257 22.33 -10.78 -8.72
N LEU A 258 21.82 -10.42 -9.89
CA LEU A 258 20.61 -9.58 -9.94
C LEU A 258 19.40 -10.39 -9.45
N LYS A 259 18.67 -9.86 -8.48
CA LYS A 259 17.51 -10.57 -7.93
C LYS A 259 16.45 -10.90 -8.99
N ASP A 260 15.81 -12.06 -8.86
CA ASP A 260 14.80 -12.49 -9.84
C ASP A 260 13.71 -11.44 -10.06
N TRP A 261 13.25 -10.78 -9.00
CA TRP A 261 12.15 -9.82 -9.18
C TRP A 261 12.62 -8.58 -9.94
N VAL A 262 13.89 -8.24 -9.77
CA VAL A 262 14.46 -7.11 -10.47
C VAL A 262 14.62 -7.43 -11.97
N ARG A 263 14.98 -8.67 -12.28
CA ARG A 263 14.95 -9.12 -13.68
C ARG A 263 13.56 -8.95 -14.30
N LYS A 264 12.52 -9.33 -13.56
CA LYS A 264 11.15 -9.14 -14.04
C LYS A 264 10.83 -7.66 -14.24
N LEU A 265 11.25 -6.83 -13.29
CA LEU A 265 11.02 -5.38 -13.38
C LEU A 265 11.60 -4.81 -14.65
N LEU A 266 12.83 -5.22 -14.98
CA LEU A 266 13.50 -4.76 -16.19
C LEU A 266 12.75 -5.15 -17.47
N GLY A 267 11.97 -6.23 -17.39
CA GLY A 267 11.13 -6.64 -18.49
C GLY A 267 10.16 -5.55 -18.92
N ILE A 268 9.81 -4.66 -17.98
CA ILE A 268 8.97 -3.51 -18.31
C ILE A 268 9.66 -2.62 -19.36
N TYR A 269 10.99 -2.54 -19.28
CA TYR A 269 11.75 -1.59 -20.09
C TYR A 269 12.50 -2.22 -21.26
N LEU A 270 12.61 -3.55 -21.22
CA LEU A 270 13.21 -4.32 -22.30
C LEU A 270 12.19 -5.25 -22.95
N PRO A 271 12.52 -5.79 -24.13
CA PRO A 271 11.74 -6.87 -24.70
C PRO A 271 12.57 -8.13 -24.92
N PHE B 1 20.89 16.30 11.88
CA PHE B 1 21.90 15.28 12.12
C PHE B 1 22.31 14.54 10.85
N GLN B 2 23.33 13.70 10.96
CA GLN B 2 23.87 12.97 9.81
C GLN B 2 24.21 11.54 10.20
N GLY B 3 24.25 10.65 9.22
CA GLY B 3 24.68 9.29 9.45
C GLY B 3 23.76 8.41 10.28
N GLU B 5 20.11 6.13 11.06
CA GLU B 5 19.18 5.20 10.41
C GLU B 5 17.77 5.66 10.81
N VAL B 6 17.09 6.36 9.91
CA VAL B 6 15.81 6.95 10.26
C VAL B 6 14.66 6.05 9.84
N HIS B 7 13.81 5.66 10.80
CA HIS B 7 12.63 4.86 10.49
C HIS B 7 11.38 5.73 10.56
N VAL B 8 10.59 5.74 9.49
CA VAL B 8 9.36 6.52 9.43
C VAL B 8 8.20 5.57 9.61
N CYS B 9 7.32 5.90 10.56
CA CYS B 9 6.28 4.96 10.97
C CYS B 9 4.97 5.64 11.33
N SER B 10 3.87 5.19 10.72
CA SER B 10 2.54 5.72 11.06
C SER B 10 2.14 5.14 12.40
N VAL B 11 1.30 5.86 13.15
CA VAL B 11 0.85 5.38 14.45
C VAL B 11 -0.60 4.92 14.42
N GLY B 12 -0.81 3.63 14.68
CA GLY B 12 -2.16 3.09 14.79
C GLY B 12 -2.54 2.97 16.25
N THR B 13 -3.59 2.21 16.54
CA THR B 13 -4.06 2.08 17.91
C THR B 13 -4.00 0.65 18.45
N SER B 14 -3.16 -0.19 17.85
CA SER B 14 -3.05 -1.55 18.36
C SER B 14 -2.61 -1.55 19.83
N LEU B 15 -1.84 -0.53 20.23
CA LEU B 15 -1.38 -0.41 21.62
C LEU B 15 -2.58 -0.33 22.57
N LEU B 16 -3.55 0.49 22.19
CA LEU B 16 -4.75 0.70 22.99
C LEU B 16 -5.53 -0.61 23.12
N LYS B 17 -5.74 -1.29 22.01
CA LYS B 17 -6.45 -2.56 22.00
C LYS B 17 -5.70 -3.64 22.77
N ASN B 18 -4.39 -3.78 22.51
CA ASN B 18 -3.61 -4.79 23.22
C ASN B 18 -3.59 -4.60 24.73
N SER B 19 -3.62 -3.34 25.18
CA SER B 19 -3.47 -3.03 26.61
C SER B 19 -4.63 -3.59 27.44
N LEU B 20 -5.77 -3.82 26.81
CA LEU B 20 -6.93 -4.33 27.52
C LEU B 20 -6.70 -5.75 28.08
N ASP B 21 -5.61 -6.39 27.64
CA ASP B 21 -5.24 -7.69 28.18
C ASP B 21 -4.82 -7.57 29.63
N ASP B 22 -4.43 -6.37 30.02
CA ASP B 22 -4.03 -6.10 31.39
C ASP B 22 -5.26 -5.68 32.19
N ASP B 23 -5.56 -6.44 33.23
CA ASP B 23 -6.78 -6.23 34.02
C ASP B 23 -6.85 -4.86 34.69
N ASN B 24 -5.72 -4.37 35.16
CA ASN B 24 -5.64 -3.01 35.71
C ASN B 24 -6.08 -1.98 34.67
N VAL B 25 -5.48 -2.05 33.50
CA VAL B 25 -5.81 -1.14 32.42
C VAL B 25 -7.28 -1.26 32.06
N ARG B 26 -7.74 -2.49 31.84
CA ARG B 26 -9.13 -2.71 31.45
C ARG B 26 -10.10 -2.12 32.47
N LYS B 27 -9.83 -2.37 33.75
CA LYS B 27 -10.65 -1.83 34.83
C LYS B 27 -10.80 -0.32 34.69
N GLU B 28 -9.68 0.39 34.57
CA GLU B 28 -9.70 1.85 34.47
C GLU B 28 -10.44 2.29 33.21
N ILE B 29 -10.19 1.59 32.11
CA ILE B 29 -10.83 1.89 30.84
C ILE B 29 -12.35 1.73 30.95
N GLU B 30 -12.76 0.69 31.67
CA GLU B 30 -14.19 0.48 31.92
C GLU B 30 -14.76 1.57 32.82
N ARG B 31 -14.01 1.96 33.83
CA ARG B 31 -14.47 3.04 34.71
C ARG B 31 -14.76 4.28 33.90
N LEU B 32 -14.01 4.48 32.81
CA LEU B 32 -14.15 5.67 31.99
C LEU B 32 -15.06 5.46 30.81
N GLY B 33 -15.55 4.23 30.64
CA GLY B 33 -16.42 3.90 29.52
C GLY B 33 -15.73 4.02 28.17
N LEU B 34 -14.49 3.55 28.11
CA LEU B 34 -13.67 3.64 26.89
C LEU B 34 -13.30 2.26 26.30
N LYS B 35 -14.19 1.28 26.47
CA LYS B 35 -13.92 -0.09 26.04
C LYS B 35 -13.37 -0.24 24.62
N ASP B 36 -13.83 0.57 23.68
CA ASP B 36 -13.30 0.48 22.33
C ASP B 36 -12.56 1.76 21.93
N TRP B 37 -11.74 2.25 22.85
CA TRP B 37 -10.97 3.46 22.60
C TRP B 37 -10.04 3.30 21.40
N ASP B 38 -9.73 2.06 21.04
CA ASP B 38 -8.87 1.82 19.88
C ASP B 38 -9.58 2.13 18.57
N ARG B 39 -10.91 2.21 18.60
CA ARG B 39 -11.71 2.39 17.38
C ARG B 39 -12.44 3.73 17.30
N LEU B 40 -12.26 4.58 18.30
CA LEU B 40 -13.00 5.85 18.32
C LEU B 40 -12.70 6.67 17.08
N LYS B 41 -13.76 7.22 16.47
CA LYS B 41 -13.58 8.08 15.30
C LYS B 41 -13.26 9.50 15.75
N PHE B 42 -12.78 10.33 14.82
CA PHE B 42 -12.33 11.67 15.13
C PHE B 42 -13.40 12.52 15.81
N ASP B 43 -14.66 12.28 15.48
CA ASP B 43 -15.76 13.12 15.98
C ASP B 43 -16.49 12.54 17.18
N ASP B 44 -16.04 11.38 17.66
CA ASP B 44 -16.67 10.75 18.82
C ASP B 44 -16.39 11.56 20.08
N ASP B 45 -17.44 11.92 20.80
CA ASP B 45 -17.29 12.75 22.01
C ASP B 45 -16.48 12.04 23.10
N ARG B 46 -16.37 10.72 23.02
CA ARG B 46 -15.55 9.96 23.96
C ARG B 46 -14.05 10.20 23.77
N GLN B 47 -13.68 10.89 22.71
CA GLN B 47 -12.28 11.29 22.53
C GLN B 47 -11.89 12.29 23.63
N ASN B 48 -12.87 13.10 24.05
CA ASN B 48 -12.64 14.12 25.06
C ASN B 48 -12.31 13.51 26.42
N ARG B 49 -12.85 12.32 26.68
CA ARG B 49 -12.51 11.57 27.88
C ARG B 49 -11.03 11.23 27.88
N ILE B 50 -10.54 10.70 26.76
CA ILE B 50 -9.12 10.42 26.64
C ILE B 50 -8.36 11.70 26.93
N LYS B 51 -8.78 12.80 26.28
CA LYS B 51 -8.08 14.06 26.37
C LYS B 51 -7.99 14.58 27.82
N GLU B 52 -9.11 14.50 28.54
CA GLU B 52 -9.14 15.00 29.91
C GLU B 52 -8.32 14.15 30.87
N ASN B 53 -8.09 12.89 30.49
CA ASN B 53 -7.31 11.98 31.34
C ASN B 53 -6.00 11.56 30.69
N PHE B 54 -5.52 12.39 29.76
CA PHE B 54 -4.35 12.05 28.94
C PHE B 54 -3.13 11.63 29.77
N ASP B 55 -2.74 12.45 30.74
CA ASP B 55 -1.52 12.17 31.51
C ASP B 55 -1.61 10.82 32.24
N SER B 56 -2.74 10.59 32.89
CA SER B 56 -2.95 9.34 33.62
C SER B 56 -2.89 8.14 32.69
N LEU B 57 -3.56 8.25 31.55
CA LEU B 57 -3.61 7.16 30.57
C LEU B 57 -2.25 6.87 29.99
N ARG B 58 -1.50 7.93 29.67
CA ARG B 58 -0.16 7.79 29.15
C ARG B 58 0.74 6.98 30.09
N LYS B 59 0.81 7.39 31.35
CA LYS B 59 1.65 6.71 32.33
C LYS B 59 1.24 5.25 32.48
N LEU B 61 -0.24 3.33 30.14
CA LEU B 61 0.18 2.62 28.94
C LEU B 61 1.69 2.37 28.96
N LEU B 62 2.45 3.30 29.51
CA LEU B 62 3.90 3.11 29.60
C LEU B 62 4.21 1.93 30.51
N LYS B 63 3.49 1.82 31.62
CA LYS B 63 3.65 0.66 32.49
C LYS B 63 3.32 -0.62 31.73
N PHE B 64 2.24 -0.60 30.95
CA PHE B 64 1.86 -1.78 30.17
C PHE B 64 2.99 -2.22 29.23
N ILE B 65 3.48 -1.29 28.41
CA ILE B 65 4.57 -1.60 27.49
C ILE B 65 5.82 -2.14 28.22
N ARG B 66 6.25 -1.42 29.26
CA ARG B 66 7.44 -1.82 30.01
C ARG B 66 7.38 -3.29 30.38
N SER B 67 6.20 -3.75 30.79
CA SER B 67 6.02 -5.12 31.21
C SER B 67 5.81 -6.09 30.05
N LYS B 68 5.25 -5.60 28.95
CA LYS B 68 4.87 -6.48 27.85
C LYS B 68 5.99 -6.67 26.83
N GLY B 69 6.71 -5.59 26.53
CA GLY B 69 7.76 -5.64 25.53
C GLY B 69 7.29 -5.22 24.14
N ARG B 70 8.06 -5.60 23.13
CA ARG B 70 7.77 -5.20 21.75
C ARG B 70 6.38 -5.63 21.27
N ARG B 71 5.89 -6.74 21.78
CA ARG B 71 4.60 -7.25 21.30
C ARG B 71 3.44 -6.36 21.76
N ALA B 72 3.76 -5.35 22.58
CA ALA B 72 2.75 -4.41 23.08
C ALA B 72 2.00 -3.71 21.94
N SER B 73 2.67 -3.49 20.82
CA SER B 73 2.00 -2.85 19.68
C SER B 73 2.65 -3.19 18.35
N ALA B 74 1.87 -3.04 17.28
CA ALA B 74 2.34 -3.37 15.93
C ALA B 74 3.54 -2.49 15.56
N GLU B 75 3.52 -1.24 16.00
CA GLU B 75 4.65 -0.33 15.78
C GLU B 75 5.93 -0.87 16.41
N LEU B 76 5.86 -1.16 17.71
CA LEU B 76 7.04 -1.59 18.44
C LEU B 76 7.55 -2.92 17.92
N ASP B 77 6.63 -3.85 17.67
CA ASP B 77 7.02 -5.18 17.21
C ASP B 77 7.76 -5.07 15.87
N SER B 78 7.17 -4.35 14.92
CA SER B 78 7.78 -4.19 13.60
C SER B 78 9.09 -3.39 13.65
N LEU B 79 9.14 -2.35 14.47
CA LEU B 79 10.38 -1.57 14.64
C LEU B 79 11.53 -2.43 15.20
N PHE B 80 11.34 -3.00 16.38
CA PHE B 80 12.43 -3.75 17.00
C PHE B 80 12.87 -4.95 16.15
N SER B 81 11.91 -5.62 15.52
CA SER B 81 12.25 -6.77 14.68
C SER B 81 13.13 -6.32 13.52
N THR B 82 12.87 -5.12 13.02
CA THR B 82 13.59 -4.64 11.86
C THR B 82 14.98 -4.10 12.24
N PHE B 83 15.10 -3.48 13.41
CA PHE B 83 16.40 -3.07 13.90
C PHE B 83 17.34 -4.27 13.96
N GLU B 84 16.83 -5.38 14.47
CA GLU B 84 17.61 -6.60 14.58
C GLU B 84 17.98 -7.19 13.21
N LYS B 85 17.01 -7.20 12.30
CA LYS B 85 17.22 -7.73 10.96
C LYS B 85 18.28 -6.95 10.17
N LEU B 86 18.19 -5.63 10.23
CA LEU B 86 19.07 -4.76 9.44
C LEU B 86 20.31 -4.37 10.23
N LYS B 87 20.37 -4.84 11.47
CA LYS B 87 21.47 -4.56 12.38
C LYS B 87 21.63 -3.06 12.61
N HIS B 88 20.54 -2.42 13.01
CA HIS B 88 20.59 -1.02 13.40
C HIS B 88 20.76 -0.92 14.91
N ASN B 89 21.79 -0.21 15.34
CA ASN B 89 22.05 -0.07 16.77
C ASN B 89 21.27 1.12 17.36
N LYS B 90 20.87 1.00 18.62
CA LYS B 90 20.04 2.04 19.24
C LYS B 90 20.62 3.44 19.06
N SER B 91 21.93 3.57 19.28
CA SER B 91 22.60 4.85 19.16
C SER B 91 22.57 5.44 17.74
N GLU B 92 22.17 4.62 16.77
CA GLU B 92 22.16 5.03 15.36
C GLU B 92 20.76 5.39 14.87
N ILE B 93 19.74 5.03 15.64
CA ILE B 93 18.39 5.07 15.15
C ILE B 93 17.66 6.39 15.47
N TYR B 94 16.80 6.84 14.56
CA TYR B 94 15.88 7.93 14.84
C TYR B 94 14.52 7.48 14.35
N VAL B 95 13.55 7.39 15.27
CA VAL B 95 12.21 6.95 14.91
C VAL B 95 11.28 8.16 14.74
N PHE B 96 10.83 8.33 13.51
CA PHE B 96 9.97 9.44 13.14
C PHE B 96 8.55 8.92 13.06
N LEU B 97 7.73 9.27 14.05
CA LEU B 97 6.35 8.81 14.10
C LEU B 97 5.40 9.93 13.70
N TYR B 98 4.29 9.57 13.08
CA TYR B 98 3.25 10.55 12.81
C TYR B 98 1.88 9.98 13.14
N SER B 99 1.06 10.77 13.81
CA SER B 99 -0.30 10.36 14.06
C SER B 99 -1.28 11.47 13.69
N THR B 100 -2.56 11.13 13.59
CA THR B 100 -3.57 12.16 13.39
C THR B 100 -3.73 12.97 14.66
N ASN B 101 -4.31 14.16 14.50
CA ASN B 101 -4.64 15.00 15.65
C ASN B 101 -5.93 14.52 16.30
N THR B 102 -5.93 13.29 16.80
CA THR B 102 -7.06 12.76 17.54
C THR B 102 -6.55 12.20 18.85
N SER B 103 -7.37 12.25 19.90
CA SER B 103 -6.89 11.89 21.24
C SER B 103 -6.35 10.46 21.32
N ASN B 104 -7.07 9.51 20.75
CA ASN B 104 -6.66 8.11 20.85
C ASN B 104 -5.37 7.81 20.10
N SER B 105 -5.21 8.39 18.91
CA SER B 105 -4.01 8.18 18.11
C SER B 105 -2.82 8.91 18.72
N GLN B 106 -3.06 10.14 19.16
CA GLN B 106 -2.02 10.96 19.80
C GLN B 106 -1.50 10.32 21.09
N LEU B 107 -2.39 9.71 21.86
CA LEU B 107 -2.00 8.96 23.04
C LEU B 107 -1.06 7.80 22.68
N ALA B 108 -1.46 6.97 21.72
CA ALA B 108 -0.61 5.86 21.26
C ALA B 108 0.75 6.40 20.84
N GLY B 109 0.72 7.47 20.04
CA GLY B 109 1.94 8.08 19.52
C GLY B 109 2.87 8.61 20.59
N GLU B 110 2.31 9.33 21.56
CA GLU B 110 3.16 9.87 22.63
C GLU B 110 3.75 8.75 23.49
N VAL B 111 2.95 7.74 23.79
CA VAL B 111 3.42 6.61 24.57
C VAL B 111 4.54 5.87 23.87
N ILE B 112 4.37 5.62 22.57
CA ILE B 112 5.35 4.87 21.81
C ILE B 112 6.64 5.67 21.70
N ARG B 113 6.51 6.97 21.44
CA ARG B 113 7.67 7.85 21.38
C ARG B 113 8.41 7.84 22.72
N ASP B 114 7.67 8.02 23.81
CA ASP B 114 8.30 8.12 25.13
C ASP B 114 8.99 6.82 25.54
N TYR B 115 8.38 5.69 25.19
CA TYR B 115 9.00 4.40 25.49
C TYR B 115 10.29 4.21 24.72
N LEU B 116 10.26 4.48 23.42
CA LEU B 116 11.48 4.38 22.62
C LEU B 116 12.62 5.20 23.24
N ILE B 117 12.29 6.42 23.66
CA ILE B 117 13.28 7.30 24.28
C ILE B 117 13.81 6.69 25.58
N GLU B 118 12.93 6.11 26.39
CA GLU B 118 13.36 5.42 27.61
C GLU B 118 14.36 4.30 27.31
N GLU B 119 14.19 3.65 26.17
CA GLU B 119 15.05 2.54 25.74
C GLU B 119 16.35 3.01 25.07
N GLY B 120 16.52 4.31 24.96
CA GLY B 120 17.74 4.86 24.38
C GLY B 120 17.66 5.11 22.90
N ILE B 121 16.44 5.14 22.36
CA ILE B 121 16.23 5.38 20.94
C ILE B 121 15.56 6.75 20.70
N ARG B 122 16.29 7.65 20.04
CA ARG B 122 15.77 8.98 19.73
C ARG B 122 14.51 8.86 18.92
N SER B 123 13.50 9.65 19.29
CA SER B 123 12.22 9.58 18.61
C SER B 123 11.52 10.92 18.59
N GLU B 124 10.75 11.15 17.53
CA GLU B 124 9.95 12.36 17.38
C GLU B 124 8.55 12.02 16.88
N LEU B 125 7.54 12.72 17.40
CA LEU B 125 6.17 12.53 16.93
C LEU B 125 5.64 13.79 16.27
N VAL B 126 5.12 13.65 15.05
CA VAL B 126 4.43 14.76 14.43
C VAL B 126 2.95 14.44 14.25
N THR B 127 2.16 15.50 14.11
CA THR B 127 0.71 15.38 13.97
C THR B 127 0.26 15.76 12.57
N VAL B 128 -0.64 14.96 12.00
CA VAL B 128 -1.18 15.25 10.67
C VAL B 128 -2.72 15.34 10.67
N LYS B 129 -3.27 15.88 9.59
CA LYS B 129 -4.72 16.09 9.52
C LYS B 129 -5.50 14.79 9.37
N THR B 130 -6.69 14.75 9.95
CA THR B 130 -7.57 13.61 9.85
C THR B 130 -8.21 13.53 8.46
N ILE B 131 -8.24 12.32 7.89
CA ILE B 131 -8.96 12.10 6.64
C ILE B 131 -10.31 11.48 6.96
N SER B 132 -11.40 12.15 6.60
CA SER B 132 -12.73 11.63 6.92
C SER B 132 -13.76 11.77 5.79
N SER B 133 -13.31 12.18 4.61
CA SER B 133 -14.17 12.30 3.43
C SER B 133 -13.30 12.30 2.18
N GLU B 134 -13.91 12.12 1.01
CA GLU B 134 -13.13 12.20 -0.23
C GLU B 134 -12.57 13.60 -0.42
N GLU B 135 -13.35 14.62 -0.11
CA GLU B 135 -12.86 15.98 -0.28
C GLU B 135 -11.67 16.28 0.63
N ASN B 136 -11.77 15.89 1.89
CA ASN B 136 -10.64 16.18 2.77
C ASN B 136 -9.51 15.15 2.70
N PHE B 137 -9.69 14.10 1.89
CA PHE B 137 -8.62 13.13 1.66
C PHE B 137 -7.40 13.86 1.08
N TYR B 138 -7.64 14.69 0.06
CA TYR B 138 -6.53 15.34 -0.62
C TYR B 138 -5.88 16.41 0.27
N GLU B 139 -6.68 17.04 1.12
CA GLU B 139 -6.11 17.93 2.12
C GLU B 139 -5.20 17.16 3.07
N GLY B 140 -5.55 15.90 3.34
CA GLY B 140 -4.75 15.06 4.20
C GLY B 140 -3.43 14.69 3.53
N ILE B 141 -3.52 14.36 2.24
CA ILE B 141 -2.33 14.08 1.44
C ILE B 141 -1.39 15.29 1.42
N VAL B 142 -1.95 16.47 1.22
CA VAL B 142 -1.15 17.70 1.20
C VAL B 142 -0.41 17.84 2.53
N ASP B 143 -1.09 17.50 3.63
CA ASP B 143 -0.48 17.68 4.96
C ASP B 143 0.60 16.62 5.16
N LEU B 144 0.37 15.41 4.65
CA LEU B 144 1.41 14.38 4.70
C LEU B 144 2.66 14.83 3.95
N PHE B 145 2.49 15.48 2.81
CA PHE B 145 3.67 16.06 2.14
C PHE B 145 4.39 17.01 3.09
N ASP B 146 3.65 17.98 3.63
CA ASP B 146 4.26 18.99 4.50
C ASP B 146 4.94 18.39 5.74
N LYS B 147 4.25 17.47 6.42
CA LYS B 147 4.69 17.00 7.73
C LYS B 147 5.60 15.78 7.68
N VAL B 148 5.49 14.99 6.62
CA VAL B 148 6.20 13.72 6.56
C VAL B 148 7.14 13.64 5.37
N ILE B 149 6.59 13.75 4.17
CA ILE B 149 7.39 13.59 2.95
C ILE B 149 8.54 14.60 2.87
N TYR B 150 8.25 15.86 3.17
CA TYR B 150 9.31 16.86 3.13
C TYR B 150 10.37 16.61 4.21
N ARG B 151 10.00 15.92 5.29
CA ARG B 151 11.01 15.58 6.32
C ARG B 151 11.91 14.46 5.80
N ILE B 152 11.32 13.52 5.07
CA ILE B 152 12.12 12.49 4.41
C ILE B 152 13.16 13.15 3.50
N LEU B 153 12.72 14.16 2.75
CA LEU B 153 13.63 14.90 1.87
C LEU B 153 14.80 15.46 2.64
N LYS B 154 14.50 16.13 3.74
CA LYS B 154 15.53 16.77 4.55
C LYS B 154 16.46 15.74 5.18
N PHE B 155 15.91 14.64 5.68
CA PHE B 155 16.75 13.57 6.22
C PHE B 155 17.76 13.07 5.18
N LYS B 156 17.32 12.92 3.93
CA LYS B 156 18.20 12.46 2.86
C LYS B 156 19.24 13.52 2.51
N GLU B 157 18.83 14.79 2.49
CA GLU B 157 19.77 15.87 2.22
C GLU B 157 20.88 15.96 3.28
N GLN B 158 20.58 15.54 4.50
CA GLN B 158 21.54 15.61 5.59
C GLN B 158 22.34 14.32 5.74
N ASP B 159 22.31 13.50 4.70
CA ASP B 159 23.12 12.28 4.64
C ASP B 159 22.73 11.24 5.72
N ASN B 160 21.42 11.00 5.83
CA ASN B 160 20.90 9.89 6.60
C ASN B 160 20.25 8.87 5.70
N GLU B 161 20.12 7.64 6.19
CA GLU B 161 19.35 6.60 5.51
C GLU B 161 17.92 6.66 6.04
N VAL B 162 16.94 6.37 5.17
CA VAL B 162 15.55 6.42 5.57
C VAL B 162 14.83 5.13 5.21
N TYR B 163 14.20 4.51 6.21
CA TYR B 163 13.48 3.26 6.06
C TYR B 163 12.03 3.47 6.41
N ILE B 164 11.13 3.12 5.49
CA ILE B 164 9.71 3.32 5.71
C ILE B 164 9.09 2.05 6.27
N ASN B 165 8.56 2.13 7.49
CA ASN B 165 7.83 1.02 8.09
C ASN B 165 6.36 1.06 7.65
N ALA B 166 6.00 0.21 6.69
CA ALA B 166 4.64 0.20 6.16
C ALA B 166 3.68 -0.64 6.99
N THR B 167 4.14 -1.18 8.12
CA THR B 167 3.30 -2.12 8.87
C THR B 167 2.00 -1.50 9.43
N PRO B 168 2.12 -0.44 10.26
CA PRO B 168 0.89 0.12 10.83
C PRO B 168 0.20 1.07 9.86
N GLY B 169 -1.06 1.40 10.12
CA GLY B 169 -1.73 2.44 9.36
C GLY B 169 -2.68 1.92 8.29
N LEU B 170 -3.58 2.78 7.85
CA LEU B 170 -4.57 2.38 6.86
C LEU B 170 -3.91 2.18 5.49
N LYS B 171 -4.37 1.17 4.75
CA LYS B 171 -3.78 0.88 3.45
C LYS B 171 -3.54 2.09 2.54
N PRO B 172 -4.58 2.89 2.26
CA PRO B 172 -4.36 3.96 1.27
C PRO B 172 -3.26 4.93 1.69
N GLU B 173 -3.12 5.15 2.98
CA GLU B 173 -2.06 5.99 3.50
C GLU B 173 -0.68 5.38 3.36
N SER B 174 -0.56 4.07 3.60
CA SER B 174 0.73 3.40 3.46
C SER B 174 1.13 3.32 2.00
N ILE B 175 0.16 3.20 1.10
CA ILE B 175 0.49 3.21 -0.33
C ILE B 175 1.02 4.56 -0.73
N PHE B 176 0.36 5.63 -0.29
CA PHE B 176 0.87 6.97 -0.57
C PHE B 176 2.27 7.17 0.03
N LEU B 177 2.43 6.78 1.29
CA LEU B 177 3.69 6.97 2.00
C LEU B 177 4.83 6.26 1.26
N THR B 178 4.56 5.05 0.79
CA THR B 178 5.56 4.28 0.05
C THR B 178 5.92 4.98 -1.26
N LEU B 179 4.91 5.40 -1.99
CA LEU B 179 5.11 6.04 -3.28
C LEU B 179 5.85 7.38 -3.17
N ALA B 180 5.28 8.30 -2.40
CA ALA B 180 5.88 9.62 -2.24
C ALA B 180 7.21 9.52 -1.50
N GLY B 181 7.27 8.58 -0.55
CA GLY B 181 8.49 8.36 0.21
C GLY B 181 9.66 7.94 -0.67
N LEU B 182 9.41 6.97 -1.56
CA LEU B 182 10.42 6.57 -2.54
C LEU B 182 10.81 7.72 -3.46
N LEU B 183 9.84 8.49 -3.96
CA LEU B 183 10.16 9.61 -4.83
C LEU B 183 11.05 10.63 -4.10
N ALA B 184 10.81 10.79 -2.80
CA ALA B 184 11.62 11.71 -1.98
C ALA B 184 12.98 11.14 -1.56
N GLY B 185 13.25 9.89 -1.94
CA GLY B 185 14.56 9.30 -1.72
C GLY B 185 14.69 8.28 -0.60
N ALA B 186 13.56 7.85 -0.03
CA ALA B 186 13.61 6.84 1.01
C ALA B 186 14.34 5.62 0.45
N ASP B 187 15.05 4.90 1.30
CA ASP B 187 15.97 3.84 0.87
C ASP B 187 15.28 2.50 0.73
N LEU B 188 14.51 2.11 1.73
CA LEU B 188 13.83 0.83 1.69
C LEU B 188 12.45 0.92 2.32
N ILE B 189 11.54 0.07 1.88
CA ILE B 189 10.23 -0.05 2.52
C ILE B 189 10.18 -1.41 3.19
N TYR B 190 9.61 -1.48 4.38
CA TYR B 190 9.51 -2.77 5.03
C TYR B 190 8.17 -3.02 5.70
N TYR B 191 7.88 -4.31 5.94
CA TYR B 191 6.57 -4.71 6.44
C TYR B 191 6.74 -5.99 7.23
N LYS B 192 6.21 -6.00 8.45
CA LYS B 192 6.21 -7.22 9.24
C LYS B 192 4.90 -7.98 9.07
N TYR B 193 5.00 -9.18 8.51
CA TYR B 193 3.86 -10.08 8.45
C TYR B 193 3.68 -10.74 9.81
N GLN B 194 2.56 -10.47 10.47
CA GLN B 194 2.29 -11.13 11.75
C GLN B 194 2.06 -12.63 11.58
N GLU B 195 1.39 -13.01 10.50
CA GLU B 195 1.08 -14.41 10.20
C GLU B 195 2.29 -15.34 10.37
N PHE B 196 3.39 -15.02 9.72
CA PHE B 196 4.58 -15.84 9.86
C PHE B 196 5.69 -15.17 10.66
N ASN B 197 5.32 -14.14 11.42
CA ASN B 197 6.22 -13.51 12.39
C ASN B 197 7.57 -13.13 11.79
N ASP B 198 7.57 -12.45 10.64
CA ASP B 198 8.82 -12.13 9.99
C ASP B 198 8.73 -10.81 9.24
N VAL B 199 9.86 -10.11 9.17
CA VAL B 199 9.91 -8.83 8.48
C VAL B 199 10.39 -9.04 7.07
N VAL B 200 9.71 -8.41 6.12
CA VAL B 200 10.09 -8.50 4.73
C VAL B 200 10.44 -7.12 4.20
N ILE B 201 11.54 -7.02 3.46
CA ILE B 201 11.85 -5.77 2.76
C ILE B 201 11.07 -5.77 1.45
N LEU B 202 10.10 -4.88 1.32
CA LEU B 202 9.28 -4.84 0.10
C LEU B 202 10.14 -4.34 -1.06
N PRO B 203 9.83 -4.77 -2.29
CA PRO B 203 10.59 -4.25 -3.42
C PRO B 203 10.61 -2.72 -3.39
N SER B 204 11.81 -2.14 -3.42
CA SER B 204 11.99 -0.70 -3.24
C SER B 204 12.76 -0.10 -4.41
N PRO B 205 12.22 -0.20 -5.63
CA PRO B 205 12.93 0.33 -6.80
C PRO B 205 13.08 1.84 -6.66
N PRO B 206 14.28 2.37 -6.91
CA PRO B 206 14.45 3.82 -6.89
C PRO B 206 13.68 4.41 -8.06
N ILE B 207 12.79 5.35 -7.77
CA ILE B 207 11.89 5.86 -8.80
C ILE B 207 11.86 7.39 -8.87
N THR B 208 11.35 7.90 -9.99
CA THR B 208 11.18 9.32 -10.19
C THR B 208 9.98 9.53 -11.09
N ILE B 209 9.50 10.78 -11.18
CA ILE B 209 8.40 11.10 -12.09
C ILE B 209 8.91 11.00 -13.52
N ARG B 210 8.12 10.45 -14.43
CA ARG B 210 8.55 10.36 -15.81
C ARG B 210 8.92 11.75 -16.30
N PRO B 211 10.06 11.84 -17.00
CA PRO B 211 10.69 13.12 -17.37
C PRO B 211 9.77 14.01 -18.19
N LYS B 212 9.00 13.43 -19.10
CA LYS B 212 8.07 14.24 -19.89
C LYS B 212 7.05 14.91 -18.99
N TYR B 213 6.48 14.15 -18.05
CA TYR B 213 5.48 14.68 -17.14
C TYR B 213 6.08 15.68 -16.18
N LEU B 214 7.29 15.41 -15.70
CA LEU B 214 7.94 16.34 -14.80
C LEU B 214 8.17 17.67 -15.52
N ASP B 215 8.60 17.58 -16.76
CA ASP B 215 8.79 18.76 -17.60
C ASP B 215 7.47 19.57 -17.72
N TRP B 216 6.41 18.91 -18.15
CA TRP B 216 5.09 19.57 -18.26
C TRP B 216 4.63 20.18 -16.94
N LEU B 217 4.84 19.47 -15.84
CA LEU B 217 4.39 19.96 -14.53
C LEU B 217 5.18 21.19 -14.09
N ILE B 218 6.48 21.17 -14.37
CA ILE B 218 7.32 22.30 -14.01
C ILE B 218 6.94 23.56 -14.81
N ARG B 219 6.58 23.35 -16.08
CA ARG B 219 6.12 24.46 -16.91
C ARG B 219 4.87 25.10 -16.32
N PHE B 220 3.96 24.23 -15.88
CA PHE B 220 2.74 24.65 -15.21
C PHE B 220 3.09 25.53 -14.00
N ALA B 221 4.00 25.04 -13.16
CA ALA B 221 4.40 25.79 -11.97
C ALA B 221 5.04 27.13 -12.34
N ILE B 222 6.04 27.09 -13.21
CA ILE B 222 6.79 28.26 -13.60
C ILE B 222 5.89 29.36 -14.16
N SER B 223 4.84 28.95 -14.87
CA SER B 223 3.97 29.91 -15.55
C SER B 223 2.89 30.46 -14.64
N GLY B 224 2.44 29.65 -13.69
CA GLY B 224 1.32 29.97 -12.83
C GLY B 224 0.56 28.69 -12.55
N TYR B 225 0.05 28.52 -11.33
CA TYR B 225 -0.57 27.25 -10.98
C TYR B 225 -1.94 27.03 -11.64
N THR B 226 -2.57 28.13 -12.05
CA THR B 226 -3.80 28.06 -12.82
C THR B 226 -3.55 28.78 -14.14
N LEU B 227 -3.81 28.08 -15.25
CA LEU B 227 -3.46 28.53 -16.58
C LEU B 227 -4.66 28.46 -17.52
N SER B 228 -4.84 29.48 -18.36
CA SER B 228 -5.85 29.42 -19.40
C SER B 228 -5.50 28.32 -20.41
N GLU B 229 -6.50 27.83 -21.13
CA GLU B 229 -6.30 26.75 -22.10
C GLU B 229 -5.36 27.19 -23.22
N LYS B 230 -5.44 28.45 -23.59
CA LYS B 230 -4.57 28.98 -24.64
C LYS B 230 -3.13 29.12 -24.16
N ARG B 231 -2.94 29.71 -22.98
CA ARG B 231 -1.61 29.84 -22.41
C ARG B 231 -0.93 28.47 -22.34
N ALA B 232 -1.71 27.46 -21.94
CA ALA B 232 -1.18 26.11 -21.82
C ALA B 232 -0.82 25.54 -23.18
N GLU B 233 -1.54 25.99 -24.21
CA GLU B 233 -1.28 25.54 -25.57
C GLU B 233 0.04 26.10 -26.08
N GLU B 234 0.30 27.36 -25.75
CA GLU B 234 1.52 28.04 -26.14
C GLU B 234 2.74 27.38 -25.50
N LEU B 235 2.52 26.71 -24.37
CA LEU B 235 3.61 26.08 -23.63
C LEU B 235 3.83 24.62 -24.02
N GLY B 236 2.95 24.09 -24.87
CA GLY B 236 3.05 22.71 -25.31
C GLY B 236 2.65 21.68 -24.25
N ILE B 237 1.93 22.13 -23.22
CA ILE B 237 1.48 21.25 -22.14
C ILE B 237 0.17 20.55 -22.52
N PRO B 238 0.18 19.21 -22.57
CA PRO B 238 -1.01 18.44 -22.97
C PRO B 238 -2.04 18.29 -21.86
N VAL B 239 -2.77 19.37 -21.59
CA VAL B 239 -3.70 19.45 -20.46
C VAL B 239 -4.67 18.28 -20.32
N ARG B 240 -5.20 17.79 -21.45
CA ARG B 240 -6.20 16.73 -21.39
C ARG B 240 -5.61 15.43 -20.89
N LEU B 241 -4.32 15.23 -21.14
CA LEU B 241 -3.64 14.04 -20.66
C LEU B 241 -3.52 14.14 -19.14
N LEU B 242 -3.07 15.30 -18.68
CA LEU B 242 -2.88 15.56 -17.25
C LEU B 242 -4.20 15.48 -16.48
N GLU B 243 -5.29 15.91 -17.11
CA GLU B 243 -6.60 15.88 -16.48
C GLU B 243 -7.04 14.44 -16.26
N ALA B 244 -6.83 13.61 -17.27
CA ALA B 244 -7.21 12.20 -17.23
C ALA B 244 -6.50 11.47 -16.11
N LYS B 245 -5.27 11.91 -15.82
CA LYS B 245 -4.50 11.35 -14.72
C LYS B 245 -4.80 12.03 -13.38
N LEU B 247 -4.16 15.02 -12.39
CA LEU B 247 -3.08 15.89 -11.93
C LEU B 247 -3.48 17.36 -12.00
N VAL B 248 -4.39 17.69 -12.90
CA VAL B 248 -4.94 19.05 -13.02
C VAL B 248 -6.45 18.95 -13.13
N GLU B 249 -7.14 20.07 -12.90
CA GLU B 249 -8.59 20.13 -13.02
C GLU B 249 -8.98 21.35 -13.82
N ARG B 250 -9.98 21.21 -14.67
CA ARG B 250 -10.52 22.33 -15.40
C ARG B 250 -11.19 23.28 -14.43
N LYS B 251 -10.80 24.55 -14.47
CA LYS B 251 -11.54 25.60 -13.78
C LYS B 251 -12.12 26.49 -14.87
N GLY B 252 -13.43 26.34 -15.10
CA GLY B 252 -14.13 26.92 -16.24
C GLY B 252 -13.80 28.35 -16.62
N GLU B 253 -13.57 28.57 -17.91
CA GLU B 253 -13.53 27.49 -18.89
C GLU B 253 -12.29 27.63 -19.74
N ASP B 254 -11.55 28.70 -19.50
CA ASP B 254 -10.24 28.84 -20.09
C ASP B 254 -9.29 27.91 -19.34
N ALA B 255 -9.47 27.83 -18.03
CA ALA B 255 -8.36 27.48 -17.15
C ALA B 255 -8.19 26.01 -16.73
N TYR B 256 -6.93 25.65 -16.51
CA TYR B 256 -6.56 24.38 -15.91
C TYR B 256 -5.73 24.69 -14.68
N ARG B 257 -6.06 24.06 -13.55
CA ARG B 257 -5.39 24.32 -12.28
C ARG B 257 -4.64 23.07 -11.83
N LEU B 258 -3.39 23.22 -11.45
CA LEU B 258 -2.60 22.12 -10.94
C LEU B 258 -3.06 21.78 -9.53
N LYS B 259 -3.39 20.52 -9.27
CA LYS B 259 -3.88 20.17 -7.94
C LYS B 259 -2.87 20.47 -6.83
N ASP B 260 -3.38 20.84 -5.66
CA ASP B 260 -2.53 21.15 -4.51
C ASP B 260 -1.51 20.04 -4.19
N TRP B 261 -1.94 18.78 -4.19
CA TRP B 261 -0.99 17.72 -3.84
C TRP B 261 0.11 17.58 -4.88
N VAL B 262 -0.21 17.88 -6.13
CA VAL B 262 0.78 17.81 -7.20
C VAL B 262 1.79 18.96 -7.09
N ARG B 263 1.34 20.11 -6.59
CA ARG B 263 2.27 21.20 -6.29
C ARG B 263 3.28 20.78 -5.22
N LYS B 264 2.77 20.12 -4.17
CA LYS B 264 3.65 19.60 -3.12
C LYS B 264 4.64 18.59 -3.70
N LEU B 265 4.16 17.72 -4.59
CA LEU B 265 5.03 16.72 -5.21
C LEU B 265 6.16 17.40 -5.95
N LEU B 266 5.83 18.47 -6.67
CA LEU B 266 6.84 19.22 -7.41
C LEU B 266 7.93 19.75 -6.49
N GLY B 267 7.58 19.99 -5.23
CA GLY B 267 8.54 20.49 -4.25
C GLY B 267 9.73 19.57 -4.08
N ILE B 268 9.53 18.28 -4.35
CA ILE B 268 10.61 17.30 -4.30
C ILE B 268 11.71 17.63 -5.29
N TYR B 269 11.33 18.21 -6.43
CA TYR B 269 12.25 18.40 -7.54
C TYR B 269 12.71 19.84 -7.74
N LEU B 270 12.14 20.76 -6.96
CA LEU B 270 12.49 22.16 -7.08
C LEU B 270 13.36 22.65 -5.92
#